data_7B3G
#
_entry.id   7B3G
#
_cell.length_a   59.420
_cell.length_b   72.540
_cell.length_c   78.065
_cell.angle_alpha   90.000
_cell.angle_beta   90.000
_cell.angle_gamma   90.000
#
_symmetry.space_group_name_H-M   'P 21 21 21'
#
loop_
_entity.id
_entity.type
_entity.pdbx_description
1 polymer 'Palmitoleoyl-protein carboxylesterase NOTUM'
2 non-polymer 2-acetamido-2-deoxy-beta-D-glucopyranose
3 non-polymer 'SULFATE ION'
4 non-polymer 'DIMETHYL SULFOXIDE'
5 non-polymer 1,2-ETHANEDIOL
6 non-polymer 6-((2-chlorophenyl)thio)-[1,2,4]triazolo[4,3-b]pyridazin-3(2H)-one
7 water water
#
_entity_poly.entity_id   1
_entity_poly.type   'polypeptide(L)'
_entity_poly.pdbx_seq_one_letter_code
;ETGSAQQLNEDLRLHLLLNTSVTCNDGSPAGYYLKESRGSRRWLLFLEGGWYCFNRENCDSRYDTMRRLMSSRDWPRTRT
GTGILSSQPEENPYWWNANMVFIPYCSSDVWSGASSKSEKNEYAFMGALIIQEVVRELLGRGLSGAKVLLLAGSSAGGTG
VLLNVDRVAEQLEKLGYPAIQVRGLADSGWFLDNKQYRHTDCVDTITCAPTEAIRRGIRYWNGVVPERCRRQFQEGEEWN
CFFGYKVYPTLRSPVFVVQWLFDEAQLTVDNVHLTGQPVQEGLRLYIQNLGRELRHTLKDVPASFAPACLSHEIIIRSHW
TDVQVKGTSLPRALHCWDRSLHDSHKASKTPLKGCPVHLVDSCPWPHCNPSCPTGTKHHHHHH
;
_entity_poly.pdbx_strand_id   A
#
loop_
_chem_comp.id
_chem_comp.type
_chem_comp.name
_chem_comp.formula
DMS non-polymer 'DIMETHYL SULFOXIDE' 'C2 H6 O S'
EDO non-polymer 1,2-ETHANEDIOL 'C2 H6 O2'
NAG D-saccharide, beta linking 2-acetamido-2-deoxy-beta-D-glucopyranose 'C8 H15 N O6'
SO4 non-polymer 'SULFATE ION' 'O4 S -2'
SSQ non-polymer 6-((2-chlorophenyl)thio)-[1,2,4]triazolo[4,3-b]pyridazin-3(2H)-one 'C11 H7 Cl N4 O S'
#
# COMPACT_ATOMS: atom_id res chain seq x y z
N GLU A 10 19.27 9.49 6.17
CA GLU A 10 19.84 8.64 5.11
C GLU A 10 20.16 7.29 5.66
N ASP A 11 19.21 6.74 6.35
CA ASP A 11 19.58 5.65 7.24
C ASP A 11 19.36 4.28 6.64
N LEU A 12 18.60 4.28 5.56
CA LEU A 12 18.34 3.09 4.75
C LEU A 12 19.23 3.12 3.50
N ARG A 13 19.92 2.02 3.26
CA ARG A 13 20.90 1.91 2.18
C ARG A 13 20.35 1.12 1.00
N LEU A 14 20.63 1.60 -0.21
CA LEU A 14 20.14 0.96 -1.43
C LEU A 14 20.86 -0.35 -1.71
N HIS A 15 20.08 -1.37 -2.07
CA HIS A 15 20.58 -2.61 -2.64
C HIS A 15 19.79 -2.89 -3.91
N LEU A 16 20.46 -2.85 -5.06
CA LEU A 16 19.83 -3.31 -6.28
C LEU A 16 19.75 -4.84 -6.28
N LEU A 17 18.67 -5.36 -6.84
CA LEU A 17 18.43 -6.80 -6.80
C LEU A 17 19.58 -7.56 -7.46
N LEU A 18 20.06 -8.59 -6.77
CA LEU A 18 21.11 -9.44 -7.31
C LEU A 18 20.66 -10.15 -8.57
N ASN A 19 19.37 -10.47 -8.65
CA ASN A 19 18.77 -11.00 -9.87
C ASN A 19 18.36 -9.80 -10.71
N THR A 20 19.22 -9.41 -11.64
CA THR A 20 19.01 -8.22 -12.46
C THR A 20 17.97 -8.42 -13.56
N SER A 21 17.31 -9.58 -13.60
CA SER A 21 16.20 -9.78 -14.53
C SER A 21 14.85 -9.40 -13.92
N VAL A 22 14.82 -9.08 -12.63
CA VAL A 22 13.65 -8.50 -11.99
C VAL A 22 13.87 -7.00 -12.03
N THR A 23 13.17 -6.32 -12.94
CA THR A 23 13.55 -4.98 -13.35
C THR A 23 12.43 -3.97 -13.16
N CYS A 24 12.83 -2.70 -13.15
CA CYS A 24 11.92 -1.59 -13.27
C CYS A 24 11.37 -1.55 -14.71
N ASN A 25 10.54 -0.54 -14.99
CA ASN A 25 9.90 -0.45 -16.31
C ASN A 25 10.90 -0.50 -17.46
N ASP A 26 12.02 0.22 -17.33
CA ASP A 26 12.95 0.38 -18.43
C ASP A 26 14.02 -0.71 -18.50
N GLY A 27 13.90 -1.76 -17.70
CA GLY A 27 14.87 -2.84 -17.71
C GLY A 27 16.00 -2.68 -16.74
N SER A 28 16.14 -1.52 -16.10
CA SER A 28 17.13 -1.36 -15.04
C SER A 28 16.71 -2.19 -13.83
N PRO A 29 17.67 -2.66 -13.03
CA PRO A 29 17.31 -3.54 -11.91
C PRO A 29 16.49 -2.81 -10.85
N ALA A 30 15.50 -3.49 -10.32
CA ALA A 30 14.77 -2.98 -9.16
C ALA A 30 15.65 -3.14 -7.92
N GLY A 31 15.11 -2.75 -6.77
CA GLY A 31 15.89 -2.85 -5.56
C GLY A 31 15.09 -2.50 -4.33
N TYR A 32 15.81 -2.28 -3.24
CA TYR A 32 15.20 -1.95 -1.95
C TYR A 32 16.20 -1.19 -1.12
N TYR A 33 15.69 -0.37 -0.20
CA TYR A 33 16.51 0.32 0.79
C TYR A 33 16.32 -0.38 2.13
N LEU A 34 17.44 -0.63 2.83
CA LEU A 34 17.43 -1.45 4.02
C LEU A 34 18.19 -0.77 5.15
N LYS A 35 17.59 -0.76 6.34
CA LYS A 35 18.31 -0.46 7.58
C LYS A 35 18.06 -1.63 8.52
N GLU A 36 19.10 -2.39 8.81
CA GLU A 36 18.98 -3.55 9.68
C GLU A 36 18.94 -3.11 11.13
N SER A 37 18.21 -3.88 11.94
CA SER A 37 18.16 -3.72 13.39
C SER A 37 18.41 -5.10 13.97
N ARG A 38 19.69 -5.42 14.20
CA ARG A 38 20.04 -6.71 14.77
C ARG A 38 19.38 -6.87 16.14
N GLY A 39 18.94 -8.10 16.42
CA GLY A 39 18.20 -8.38 17.63
C GLY A 39 16.70 -8.19 17.50
N SER A 40 16.24 -7.34 16.58
CA SER A 40 14.83 -7.24 16.30
C SER A 40 14.43 -8.34 15.32
N ARG A 41 13.32 -9.01 15.64
CA ARG A 41 12.76 -10.03 14.77
C ARG A 41 11.57 -9.50 13.98
N ARG A 42 11.42 -8.18 13.94
CA ARG A 42 10.32 -7.50 13.26
C ARG A 42 10.87 -6.92 11.96
N TRP A 43 10.16 -7.17 10.86
CA TRP A 43 10.55 -6.66 9.55
C TRP A 43 9.40 -5.91 8.92
N LEU A 44 9.65 -4.66 8.54
CA LEU A 44 8.68 -3.81 7.88
C LEU A 44 9.12 -3.59 6.44
N LEU A 45 8.32 -4.07 5.49
CA LEU A 45 8.59 -3.89 4.06
C LEU A 45 7.52 -2.96 3.51
N PHE A 46 7.94 -1.76 3.11
CA PHE A 46 7.02 -0.72 2.69
C PHE A 46 7.03 -0.57 1.18
N LEU A 47 5.83 -0.57 0.58
CA LEU A 47 5.66 -0.40 -0.86
C LEU A 47 5.29 1.06 -1.16
N GLU A 48 6.16 1.73 -1.91
CA GLU A 48 5.89 3.10 -2.34
C GLU A 48 4.72 3.12 -3.33
N GLY A 49 4.01 4.25 -3.35
CA GLY A 49 2.95 4.48 -4.31
C GLY A 49 3.38 5.43 -5.42
N GLY A 50 2.39 5.85 -6.21
CA GLY A 50 2.65 6.78 -7.29
C GLY A 50 1.88 6.49 -8.57
N TRP A 51 0.60 6.17 -8.44
CA TRP A 51 -0.31 5.99 -9.59
C TRP A 51 0.17 4.81 -10.44
N TYR A 52 0.13 4.93 -11.76
CA TYR A 52 0.44 3.85 -12.68
C TYR A 52 0.38 4.38 -14.10
N CYS A 53 0.68 3.54 -15.09
CA CYS A 53 0.45 3.87 -16.49
C CYS A 53 -0.04 2.61 -17.19
N PHE A 54 -0.92 2.80 -18.18
CA PHE A 54 -1.67 1.66 -18.71
C PHE A 54 -1.60 1.48 -20.22
N ASN A 55 -0.79 2.27 -20.93
CA ASN A 55 -0.53 2.01 -22.34
C ASN A 55 0.81 2.64 -22.71
N ARG A 56 1.26 2.35 -23.93
CA ARG A 56 2.56 2.85 -24.38
C ARG A 56 2.65 4.36 -24.28
N GLU A 57 1.59 5.06 -24.69
CA GLU A 57 1.65 6.51 -24.77
C GLU A 57 1.64 7.18 -23.40
N ASN A 58 0.81 6.72 -22.46
CA ASN A 58 0.90 7.33 -21.14
C ASN A 58 2.11 6.85 -20.35
N CYS A 59 2.62 5.65 -20.64
CA CYS A 59 3.87 5.22 -20.01
C CYS A 59 5.06 6.01 -20.55
N ASP A 60 5.05 6.35 -21.84
CA ASP A 60 6.11 7.19 -22.39
C ASP A 60 6.13 8.56 -21.72
N SER A 61 4.95 9.15 -21.52
CA SER A 61 4.88 10.44 -20.85
CA SER A 61 4.90 10.45 -20.85
C SER A 61 5.40 10.35 -19.42
N ARG A 62 5.01 9.29 -18.70
CA ARG A 62 5.50 9.06 -17.34
C ARG A 62 7.02 8.89 -17.32
N TYR A 63 7.59 8.33 -18.40
CA TYR A 63 9.04 8.14 -18.43
C TYR A 63 9.77 9.47 -18.61
N ASP A 64 9.12 10.46 -19.20
CA ASP A 64 9.75 11.76 -19.40
C ASP A 64 9.88 12.55 -18.10
N THR A 65 8.83 12.55 -17.28
CA THR A 65 8.75 13.46 -16.15
C THR A 65 8.50 12.76 -14.81
N MET A 66 8.45 11.44 -14.77
CA MET A 66 8.34 10.67 -13.54
C MET A 66 9.25 9.45 -13.60
N ARG A 67 10.49 9.67 -14.08
CA ARG A 67 11.34 8.55 -14.46
C ARG A 67 11.81 7.73 -13.25
N ARG A 68 11.96 8.35 -12.08
CA ARG A 68 12.32 7.58 -10.90
C ARG A 68 11.28 6.53 -10.54
N LEU A 69 10.04 6.70 -11.01
CA LEU A 69 8.99 5.71 -10.84
C LEU A 69 8.99 4.67 -11.95
N MET A 70 10.01 4.69 -12.82
CA MET A 70 10.10 3.76 -13.93
C MET A 70 11.50 3.23 -14.15
N SER A 71 12.46 3.59 -13.30
CA SER A 71 13.87 3.31 -13.53
C SER A 71 14.64 3.50 -12.24
N SER A 72 15.70 2.71 -12.07
CA SER A 72 16.58 2.85 -10.93
C SER A 72 17.86 3.59 -11.27
N ARG A 73 17.99 4.09 -12.51
CA ARG A 73 19.25 4.66 -12.97
C ARG A 73 19.66 5.89 -12.14
N ASP A 74 18.69 6.65 -11.64
CA ASP A 74 18.97 7.87 -10.92
C ASP A 74 18.65 7.79 -9.43
N TRP A 75 18.46 6.56 -8.92
CA TRP A 75 18.15 6.39 -7.50
C TRP A 75 19.33 6.81 -6.65
N PRO A 76 19.09 7.48 -5.53
CA PRO A 76 20.18 7.79 -4.59
C PRO A 76 20.60 6.56 -3.80
N ARG A 77 21.81 6.64 -3.25
CA ARG A 77 22.36 5.52 -2.50
C ARG A 77 21.67 5.30 -1.16
N THR A 78 21.05 6.35 -0.60
CA THR A 78 20.39 6.24 0.70
C THR A 78 19.07 6.99 0.67
N ARG A 79 18.20 6.63 1.62
CA ARG A 79 16.98 7.36 1.93
C ARG A 79 16.83 7.48 3.43
N THR A 80 16.13 8.51 3.87
CA THR A 80 15.81 8.69 5.27
C THR A 80 14.47 8.02 5.58
N GLY A 81 14.46 7.17 6.60
CA GLY A 81 13.22 6.57 7.04
C GLY A 81 12.39 7.57 7.83
N THR A 82 11.13 7.74 7.42
CA THR A 82 10.24 8.70 8.05
C THR A 82 8.94 8.02 8.45
N GLY A 83 8.29 8.57 9.46
CA GLY A 83 7.02 8.01 9.92
C GLY A 83 7.22 6.61 10.45
N ILE A 84 6.43 5.67 9.92
CA ILE A 84 6.54 4.28 10.35
C ILE A 84 7.88 3.66 9.98
N LEU A 85 8.62 4.27 9.06
CA LEU A 85 9.96 3.80 8.70
C LEU A 85 11.05 4.49 9.52
N SER A 86 10.70 5.36 10.45
CA SER A 86 11.69 6.02 11.30
C SER A 86 12.16 5.09 12.40
N SER A 87 13.45 5.16 12.71
CA SER A 87 14.04 4.41 13.79
C SER A 87 14.09 5.18 15.11
N GLN A 88 13.50 6.37 15.15
CA GLN A 88 13.47 7.18 16.36
C GLN A 88 12.14 6.96 17.05
N PRO A 89 12.13 6.55 18.33
CA PRO A 89 10.85 6.27 19.00
C PRO A 89 9.94 7.47 19.13
N GLU A 90 10.47 8.70 19.13
CA GLU A 90 9.60 9.87 19.18
C GLU A 90 8.79 10.04 17.89
N GLU A 91 9.39 9.70 16.75
CA GLU A 91 8.67 9.79 15.48
C GLU A 91 7.86 8.53 15.18
N ASN A 92 8.29 7.38 15.70
CA ASN A 92 7.66 6.09 15.40
C ASN A 92 7.46 5.34 16.71
N PRO A 93 6.39 5.64 17.44
CA PRO A 93 6.13 4.91 18.69
C PRO A 93 5.83 3.43 18.46
N TYR A 94 5.48 3.04 17.24
CA TYR A 94 5.00 1.70 16.97
C TYR A 94 6.14 0.70 16.78
N TRP A 95 6.89 0.83 15.69
CA TRP A 95 7.99 -0.08 15.33
C TRP A 95 9.35 0.56 15.14
N TRP A 96 9.75 1.48 16.01
CA TRP A 96 11.02 2.18 15.80
C TRP A 96 12.24 1.25 15.77
N ASN A 97 12.18 0.09 16.43
CA ASN A 97 13.33 -0.80 16.50
C ASN A 97 13.30 -1.90 15.45
N ALA A 98 12.39 -1.84 14.48
CA ALA A 98 12.25 -2.90 13.51
C ALA A 98 13.31 -2.78 12.41
N ASN A 99 13.53 -3.88 11.70
CA ASN A 99 14.27 -3.84 10.46
C ASN A 99 13.42 -3.14 9.41
N MET A 100 13.97 -2.09 8.79
CA MET A 100 13.23 -1.21 7.90
C MET A 100 13.60 -1.46 6.45
N VAL A 101 12.59 -1.64 5.60
CA VAL A 101 12.79 -1.84 4.17
C VAL A 101 11.83 -0.94 3.41
N PHE A 102 12.38 -0.12 2.51
CA PHE A 102 11.61 0.72 1.60
C PHE A 102 11.81 0.17 0.19
N ILE A 103 10.75 -0.30 -0.43
CA ILE A 103 10.81 -0.86 -1.78
C ILE A 103 10.30 0.20 -2.75
N PRO A 104 11.17 0.80 -3.56
CA PRO A 104 10.71 1.83 -4.49
C PRO A 104 9.77 1.27 -5.54
N TYR A 105 8.78 2.09 -5.90
CA TYR A 105 7.77 1.74 -6.89
C TYR A 105 8.30 2.16 -8.26
N CYS A 106 8.74 1.19 -9.06
CA CYS A 106 9.29 1.48 -10.38
C CYS A 106 8.70 0.58 -11.46
N SER A 107 7.52 0.01 -11.21
CA SER A 107 6.86 -0.88 -12.16
C SER A 107 5.54 -0.35 -12.71
N SER A 108 5.00 0.73 -12.14
CA SER A 108 3.86 1.45 -12.73
C SER A 108 2.63 0.56 -12.93
N ASP A 109 2.50 -0.49 -12.10
CA ASP A 109 1.52 -1.54 -12.31
C ASP A 109 0.72 -1.85 -11.05
N VAL A 110 0.75 -0.95 -10.07
CA VAL A 110 0.04 -1.11 -8.80
C VAL A 110 0.56 -2.40 -8.15
N TRP A 111 1.83 -2.72 -8.42
CA TRP A 111 2.50 -3.89 -7.84
C TRP A 111 1.88 -5.21 -8.27
N SER A 112 1.28 -5.26 -9.46
CA SER A 112 0.56 -6.45 -9.90
C SER A 112 1.22 -7.18 -11.06
N GLY A 113 2.25 -6.61 -11.68
CA GLY A 113 2.73 -7.12 -12.94
C GLY A 113 3.70 -8.29 -12.80
N ALA A 114 3.75 -9.07 -13.88
CA ALA A 114 4.67 -10.19 -14.02
C ALA A 114 5.02 -10.35 -15.51
N SER A 115 5.55 -9.28 -16.10
CA SER A 115 5.89 -9.27 -17.52
C SER A 115 7.22 -8.57 -17.72
N SER A 116 8.10 -9.20 -18.49
CA SER A 116 9.42 -8.66 -18.77
C SER A 116 9.39 -7.78 -20.03
N LYS A 117 10.36 -6.87 -20.10
CA LYS A 117 10.61 -6.12 -21.32
C LYS A 117 11.14 -7.09 -22.37
N SER A 118 10.66 -6.97 -23.60
CA SER A 118 10.94 -8.00 -24.59
C SER A 118 10.83 -7.41 -25.99
N GLU A 119 10.93 -8.29 -27.00
CA GLU A 119 10.73 -7.88 -28.38
C GLU A 119 9.37 -7.22 -28.58
N LYS A 120 8.35 -7.71 -27.88
CA LYS A 120 7.00 -7.20 -28.02
C LYS A 120 6.63 -6.19 -26.93
N ASN A 121 7.44 -6.05 -25.88
CA ASN A 121 7.12 -5.18 -24.75
C ASN A 121 8.17 -4.08 -24.63
N GLU A 122 7.75 -2.83 -24.83
CA GLU A 122 8.62 -1.69 -24.58
C GLU A 122 9.03 -1.62 -23.11
N TYR A 123 8.11 -1.95 -22.21
CA TYR A 123 8.33 -1.80 -20.78
C TYR A 123 8.12 -3.13 -20.06
N ALA A 124 8.82 -3.29 -18.95
CA ALA A 124 8.62 -4.42 -18.05
C ALA A 124 7.69 -3.98 -16.92
N PHE A 125 6.75 -4.84 -16.57
CA PHE A 125 5.83 -4.60 -15.46
C PHE A 125 5.96 -5.81 -14.54
N MET A 126 6.78 -5.66 -13.49
CA MET A 126 7.23 -6.78 -12.67
C MET A 126 6.97 -6.54 -11.18
N GLY A 127 5.97 -5.72 -10.87
CA GLY A 127 5.75 -5.34 -9.47
C GLY A 127 5.57 -6.52 -8.55
N ALA A 128 4.77 -7.51 -8.97
CA ALA A 128 4.54 -8.69 -8.14
C ALA A 128 5.82 -9.49 -7.96
N LEU A 129 6.67 -9.54 -9.00
CA LEU A 129 7.93 -10.27 -8.91
C LEU A 129 8.99 -9.51 -8.12
N ILE A 130 8.94 -8.17 -8.17
CA ILE A 130 9.88 -7.38 -7.37
C ILE A 130 9.70 -7.67 -5.89
N ILE A 131 8.45 -7.69 -5.42
CA ILE A 131 8.18 -7.99 -4.02
C ILE A 131 8.72 -9.36 -3.65
N GLN A 132 8.47 -10.35 -4.51
CA GLN A 132 8.87 -11.72 -4.18
C GLN A 132 10.39 -11.86 -4.20
N GLU A 133 11.07 -11.13 -5.09
CA GLU A 133 12.53 -11.19 -5.15
C GLU A 133 13.16 -10.43 -3.99
N VAL A 134 12.59 -9.30 -3.59
CA VAL A 134 13.06 -8.60 -2.40
C VAL A 134 12.99 -9.52 -1.19
N VAL A 135 11.83 -10.18 -1.00
CA VAL A 135 11.67 -11.10 0.10
C VAL A 135 12.71 -12.21 0.05
N ARG A 136 12.95 -12.78 -1.14
CA ARG A 136 13.87 -13.90 -1.22
C ARG A 136 15.29 -13.48 -0.87
N GLU A 137 15.71 -12.31 -1.34
CA GLU A 137 17.06 -11.85 -1.09
C GLU A 137 17.24 -11.36 0.35
N LEU A 138 16.18 -10.87 0.98
CA LEU A 138 16.26 -10.48 2.39
C LEU A 138 16.41 -11.68 3.31
N LEU A 139 15.96 -12.87 2.89
CA LEU A 139 16.05 -14.05 3.73
C LEU A 139 17.50 -14.37 4.08
N GLY A 140 18.42 -14.14 3.14
CA GLY A 140 19.83 -14.26 3.42
C GLY A 140 20.44 -13.13 4.21
N ARG A 141 19.68 -12.08 4.50
CA ARG A 141 20.16 -10.91 5.23
C ARG A 141 19.53 -10.78 6.60
N GLY A 142 18.90 -11.82 7.12
CA GLY A 142 18.31 -11.81 8.45
C GLY A 142 16.82 -12.04 8.50
N LEU A 143 16.11 -11.90 7.38
CA LEU A 143 14.66 -12.13 7.40
C LEU A 143 14.31 -13.58 7.73
N SER A 144 15.25 -14.51 7.53
CA SER A 144 15.01 -15.89 7.92
C SER A 144 14.74 -16.03 9.41
N GLY A 145 15.24 -15.10 10.22
CA GLY A 145 15.02 -15.12 11.65
C GLY A 145 13.85 -14.29 12.13
N ALA A 146 13.02 -13.79 11.22
CA ALA A 146 11.93 -12.91 11.60
C ALA A 146 10.81 -13.67 12.30
N LYS A 147 10.08 -12.97 13.17
CA LYS A 147 8.82 -13.47 13.70
C LYS A 147 7.61 -12.82 13.05
N VAL A 148 7.74 -11.57 12.62
CA VAL A 148 6.65 -10.87 11.93
C VAL A 148 7.24 -10.14 10.72
N LEU A 149 6.62 -10.32 9.56
CA LEU A 149 6.90 -9.54 8.38
C LEU A 149 5.65 -8.72 8.10
N LEU A 150 5.74 -7.41 8.29
CA LEU A 150 4.63 -6.51 8.02
C LEU A 150 4.86 -5.89 6.64
N LEU A 151 4.03 -6.28 5.68
CA LEU A 151 4.05 -5.69 4.34
C LEU A 151 3.13 -4.48 4.36
N ALA A 152 3.70 -3.29 4.29
CA ALA A 152 2.97 -2.04 4.33
C ALA A 152 3.13 -1.30 3.02
N GLY A 153 2.30 -0.28 2.82
CA GLY A 153 2.35 0.50 1.60
C GLY A 153 1.32 1.60 1.63
N SER A 154 1.61 2.65 0.84
CA SER A 154 0.74 3.81 0.74
C SER A 154 0.30 4.03 -0.71
N SER A 155 -0.96 4.41 -0.89
CA SER A 155 -1.52 4.76 -2.21
C SER A 155 -1.49 3.51 -3.08
N ALA A 156 -0.89 3.56 -4.28
CA ALA A 156 -0.76 2.35 -5.09
C ALA A 156 -0.04 1.25 -4.33
N GLY A 157 0.86 1.62 -3.41
CA GLY A 157 1.49 0.64 -2.57
C GLY A 157 0.54 0.02 -1.55
N GLY A 158 -0.45 0.80 -1.10
CA GLY A 158 -1.45 0.23 -0.22
C GLY A 158 -2.31 -0.82 -0.92
N THR A 159 -2.74 -0.51 -2.15
CA THR A 159 -3.41 -1.53 -2.96
C THR A 159 -2.46 -2.69 -3.22
N GLY A 160 -1.17 -2.40 -3.42
CA GLY A 160 -0.20 -3.46 -3.62
C GLY A 160 -0.12 -4.42 -2.45
N VAL A 161 -0.29 -3.90 -1.23
CA VAL A 161 -0.34 -4.78 -0.05
C VAL A 161 -1.48 -5.77 -0.18
N LEU A 162 -2.67 -5.28 -0.52
CA LEU A 162 -3.84 -6.15 -0.65
C LEU A 162 -3.62 -7.20 -1.73
N LEU A 163 -2.93 -6.84 -2.81
CA LEU A 163 -2.72 -7.75 -3.92
C LEU A 163 -1.63 -8.78 -3.66
N ASN A 164 -0.72 -8.52 -2.71
CA ASN A 164 0.48 -9.33 -2.59
C ASN A 164 0.72 -9.96 -1.22
N VAL A 165 -0.03 -9.56 -0.18
CA VAL A 165 0.30 -10.03 1.17
C VAL A 165 0.17 -11.54 1.28
N ASP A 166 -0.89 -12.12 0.69
CA ASP A 166 -1.05 -13.57 0.75
C ASP A 166 -0.03 -14.31 -0.10
N ARG A 167 0.45 -13.69 -1.19
CA ARG A 167 1.49 -14.34 -1.97
C ARG A 167 2.82 -14.38 -1.22
N VAL A 168 3.13 -13.33 -0.46
CA VAL A 168 4.33 -13.33 0.37
C VAL A 168 4.22 -14.43 1.43
N ALA A 169 3.07 -14.53 2.09
CA ALA A 169 2.85 -15.61 3.04
C ALA A 169 3.00 -16.96 2.37
N GLU A 170 2.46 -17.11 1.16
CA GLU A 170 2.56 -18.36 0.42
C GLU A 170 4.00 -18.65 -0.01
N GLN A 171 4.74 -17.59 -0.39
CA GLN A 171 6.14 -17.77 -0.76
C GLN A 171 6.96 -18.30 0.41
N LEU A 172 6.77 -17.70 1.59
CA LEU A 172 7.57 -18.08 2.75
C LEU A 172 7.25 -19.50 3.22
N GLU A 173 5.99 -19.90 3.10
CA GLU A 173 5.62 -21.28 3.42
C GLU A 173 6.32 -22.26 2.48
N LYS A 174 6.23 -22.00 1.18
CA LYS A 174 6.91 -22.84 0.20
C LYS A 174 8.43 -22.85 0.35
N LEU A 175 9.01 -21.74 0.80
CA LEU A 175 10.47 -21.73 0.98
C LEU A 175 10.92 -22.41 2.26
N GLY A 176 10.00 -22.82 3.12
CA GLY A 176 10.35 -23.50 4.34
C GLY A 176 10.43 -22.62 5.58
N TYR A 177 9.75 -21.47 5.60
CA TYR A 177 9.73 -20.56 6.74
C TYR A 177 8.30 -20.37 7.21
N PRO A 178 7.66 -21.41 7.73
CA PRO A 178 6.26 -21.28 8.17
C PRO A 178 6.09 -20.58 9.51
N ALA A 179 7.17 -20.21 10.19
CA ALA A 179 7.09 -19.53 11.47
C ALA A 179 7.04 -18.00 11.32
N ILE A 180 7.32 -17.47 10.15
CA ILE A 180 7.24 -16.03 9.93
C ILE A 180 5.78 -15.64 9.72
N GLN A 181 5.27 -14.77 10.58
CA GLN A 181 3.89 -14.30 10.50
C GLN A 181 3.84 -13.13 9.52
N VAL A 182 3.16 -13.31 8.40
CA VAL A 182 3.03 -12.27 7.39
C VAL A 182 1.74 -11.51 7.63
N ARG A 183 1.82 -10.18 7.64
CA ARG A 183 0.69 -9.30 7.91
C ARG A 183 0.75 -8.14 6.94
N GLY A 184 -0.38 -7.47 6.76
CA GLY A 184 -0.48 -6.36 5.82
C GLY A 184 -0.96 -5.08 6.49
N LEU A 185 -0.45 -3.96 5.99
CA LEU A 185 -0.87 -2.63 6.43
C LEU A 185 -1.09 -1.80 5.17
N ALA A 186 -2.35 -1.62 4.78
CA ALA A 186 -2.71 -0.94 3.55
C ALA A 186 -3.16 0.48 3.87
N ASP A 187 -2.35 1.46 3.47
CA ASP A 187 -2.62 2.88 3.73
C ASP A 187 -3.02 3.56 2.44
N SER A 188 -4.18 4.20 2.44
CA SER A 188 -4.65 5.02 1.31
C SER A 188 -4.75 4.23 0.01
N GLY A 189 -5.04 2.94 0.11
CA GLY A 189 -5.20 2.12 -1.08
C GLY A 189 -6.54 1.42 -1.14
N TRP A 190 -7.52 1.95 -0.41
CA TRP A 190 -8.85 1.36 -0.27
C TRP A 190 -9.82 2.29 -1.00
N PHE A 191 -10.08 1.99 -2.27
CA PHE A 191 -10.82 2.89 -3.15
C PHE A 191 -12.18 2.30 -3.50
N LEU A 192 -13.08 3.18 -3.92
CA LEU A 192 -14.42 2.80 -4.32
C LEU A 192 -14.58 2.98 -5.82
N ASP A 193 -15.16 1.97 -6.48
CA ASP A 193 -15.53 2.08 -7.89
C ASP A 193 -16.93 2.69 -8.02
N ASN A 194 -17.04 3.92 -7.53
CA ASN A 194 -18.29 4.66 -7.47
C ASN A 194 -18.46 5.54 -8.71
N LYS A 195 -19.64 6.15 -8.81
CA LYS A 195 -19.93 7.07 -9.90
C LYS A 195 -19.24 8.39 -9.64
N GLN A 196 -18.65 8.97 -10.69
CA GLN A 196 -18.02 10.27 -10.56
C GLN A 196 -19.06 11.35 -10.28
N TYR A 197 -18.59 12.45 -9.68
CA TYR A 197 -19.47 13.59 -9.47
C TYR A 197 -19.80 14.28 -10.79
N ARG A 198 -18.79 14.44 -11.66
CA ARG A 198 -18.97 14.82 -13.05
C ARG A 198 -18.19 13.85 -13.90
N HIS A 199 -18.62 13.68 -15.14
CA HIS A 199 -17.96 12.74 -16.03
C HIS A 199 -16.88 13.44 -16.86
N PRO A 210 -11.24 4.77 -13.62
CA PRO A 210 -10.28 3.93 -12.91
C PRO A 210 -10.50 2.45 -13.19
N THR A 211 -11.75 1.98 -13.05
CA THR A 211 -12.05 0.60 -13.41
C THR A 211 -11.58 0.30 -14.82
N GLU A 212 -11.84 1.22 -15.76
CA GLU A 212 -11.52 0.90 -17.14
C GLU A 212 -10.02 0.97 -17.39
N ALA A 213 -9.35 1.88 -16.68
CA ALA A 213 -7.89 1.98 -16.79
C ALA A 213 -7.21 0.80 -16.12
N ILE A 214 -7.74 0.34 -14.99
CA ILE A 214 -7.23 -0.89 -14.37
C ILE A 214 -7.49 -2.09 -15.27
N ARG A 215 -8.72 -2.19 -15.82
CA ARG A 215 -8.98 -3.22 -16.81
C ARG A 215 -7.95 -3.20 -17.92
N ARG A 216 -7.69 -2.03 -18.53
CA ARG A 216 -6.73 -2.05 -19.63
C ARG A 216 -5.33 -2.34 -19.10
N GLY A 217 -5.04 -1.89 -17.87
CA GLY A 217 -3.69 -2.04 -17.34
C GLY A 217 -3.31 -3.48 -17.09
N ILE A 218 -4.22 -4.26 -16.48
CA ILE A 218 -3.96 -5.67 -16.22
C ILE A 218 -3.54 -6.39 -17.50
N ARG A 219 -4.23 -6.12 -18.60
CA ARG A 219 -3.86 -6.73 -19.87
C ARG A 219 -2.48 -6.25 -20.33
N TYR A 220 -2.21 -4.96 -20.17
CA TYR A 220 -0.92 -4.40 -20.59
C TYR A 220 0.23 -4.88 -19.70
N TRP A 221 -0.05 -5.16 -18.43
CA TRP A 221 0.99 -5.51 -17.46
C TRP A 221 1.17 -7.02 -17.29
N ASN A 222 0.25 -7.83 -17.80
CA ASN A 222 0.09 -9.21 -17.33
C ASN A 222 -0.12 -9.23 -15.81
N GLY A 223 -1.07 -8.41 -15.37
CA GLY A 223 -1.26 -8.21 -13.95
C GLY A 223 -1.91 -9.42 -13.29
N VAL A 224 -1.50 -9.69 -12.05
CA VAL A 224 -1.97 -10.84 -11.30
C VAL A 224 -2.66 -10.35 -10.02
N VAL A 225 -3.68 -11.09 -9.62
CA VAL A 225 -4.46 -10.76 -8.43
C VAL A 225 -4.49 -11.98 -7.52
N PRO A 226 -4.86 -11.80 -6.24
CA PRO A 226 -4.92 -12.96 -5.34
C PRO A 226 -5.84 -14.05 -5.84
N GLU A 227 -5.47 -15.30 -5.52
CA GLU A 227 -6.07 -16.46 -6.18
C GLU A 227 -7.54 -16.63 -5.84
N ARG A 228 -7.91 -16.51 -4.56
CA ARG A 228 -9.31 -16.64 -4.18
C ARG A 228 -10.15 -15.55 -4.81
N CYS A 229 -9.65 -14.31 -4.84
CA CYS A 229 -10.37 -13.24 -5.50
C CYS A 229 -10.50 -13.48 -7.00
N ARG A 230 -9.40 -13.89 -7.65
CA ARG A 230 -9.48 -14.30 -9.06
C ARG A 230 -10.57 -15.35 -9.31
N ARG A 231 -10.68 -16.34 -8.42
CA ARG A 231 -11.64 -17.42 -8.66
C ARG A 231 -13.07 -16.95 -8.49
N GLN A 232 -13.30 -15.94 -7.65
CA GLN A 232 -14.64 -15.41 -7.47
C GLN A 232 -15.09 -14.64 -8.72
N PHE A 233 -14.24 -13.76 -9.23
CA PHE A 233 -14.64 -12.84 -10.29
C PHE A 233 -14.36 -13.38 -11.69
N GLN A 234 -13.38 -14.28 -11.82
CA GLN A 234 -13.13 -15.04 -13.03
C GLN A 234 -12.58 -14.21 -14.19
N GLU A 235 -12.42 -14.83 -15.35
CA GLU A 235 -11.68 -14.23 -16.45
C GLU A 235 -12.32 -12.91 -16.91
N GLY A 236 -11.47 -11.94 -17.21
CA GLY A 236 -11.92 -10.63 -17.66
C GLY A 236 -12.41 -9.71 -16.57
N GLU A 237 -12.54 -10.19 -15.34
CA GLU A 237 -13.10 -9.40 -14.26
C GLU A 237 -12.12 -9.23 -13.09
N GLU A 238 -10.84 -9.52 -13.33
CA GLU A 238 -9.84 -9.41 -12.27
C GLU A 238 -9.67 -8.00 -11.74
N TRP A 239 -10.10 -6.99 -12.51
CA TRP A 239 -10.01 -5.61 -12.05
C TRP A 239 -10.73 -5.41 -10.72
N ASN A 240 -11.76 -6.22 -10.45
CA ASN A 240 -12.50 -6.11 -9.20
C ASN A 240 -11.60 -6.28 -8.00
N CYS A 241 -10.54 -7.08 -8.13
CA CYS A 241 -9.66 -7.40 -7.01
C CYS A 241 -8.72 -6.26 -6.65
N PHE A 242 -8.70 -5.18 -7.44
CA PHE A 242 -7.94 -3.99 -7.08
C PHE A 242 -8.69 -3.09 -6.10
N PHE A 243 -9.93 -3.43 -5.79
CA PHE A 243 -10.77 -2.62 -4.91
C PHE A 243 -10.87 -3.30 -3.56
N GLY A 244 -10.44 -2.58 -2.52
CA GLY A 244 -10.21 -3.21 -1.22
C GLY A 244 -11.42 -3.94 -0.68
N TYR A 245 -12.59 -3.32 -0.77
CA TYR A 245 -13.79 -3.92 -0.19
C TYR A 245 -14.17 -5.23 -0.87
N LYS A 246 -13.64 -5.50 -2.06
CA LYS A 246 -13.89 -6.75 -2.77
C LYS A 246 -12.80 -7.78 -2.56
N VAL A 247 -11.54 -7.35 -2.47
CA VAL A 247 -10.42 -8.29 -2.32
C VAL A 247 -10.17 -8.64 -0.86
N TYR A 248 -10.36 -7.67 0.06
CA TYR A 248 -10.11 -7.91 1.47
C TYR A 248 -10.79 -9.15 2.04
N PRO A 249 -12.09 -9.39 1.80
CA PRO A 249 -12.71 -10.60 2.38
C PRO A 249 -12.09 -11.90 1.93
N THR A 250 -11.36 -11.91 0.81
CA THR A 250 -10.75 -13.12 0.30
C THR A 250 -9.37 -13.40 0.87
N LEU A 251 -8.81 -12.47 1.64
CA LEU A 251 -7.45 -12.59 2.12
C LEU A 251 -7.39 -13.37 3.42
N ARG A 252 -6.31 -14.14 3.59
CA ARG A 252 -6.10 -14.92 4.80
C ARG A 252 -5.15 -14.25 5.79
N SER A 253 -4.20 -13.46 5.31
CA SER A 253 -3.28 -12.79 6.20
C SER A 253 -3.99 -11.64 6.93
N PRO A 254 -3.64 -11.37 8.18
CA PRO A 254 -4.20 -10.21 8.86
C PRO A 254 -3.79 -8.91 8.16
N VAL A 255 -4.77 -8.06 7.90
CA VAL A 255 -4.53 -6.79 7.20
C VAL A 255 -5.19 -5.66 7.99
N PHE A 256 -4.40 -4.64 8.31
CA PHE A 256 -4.88 -3.41 8.93
C PHE A 256 -5.06 -2.39 7.82
N VAL A 257 -6.25 -1.78 7.77
CA VAL A 257 -6.60 -0.86 6.69
C VAL A 257 -6.62 0.56 7.25
N VAL A 258 -5.83 1.44 6.64
CA VAL A 258 -5.84 2.86 6.97
C VAL A 258 -6.35 3.62 5.75
N GLN A 259 -7.39 4.43 5.93
CA GLN A 259 -8.01 5.11 4.81
C GLN A 259 -8.72 6.35 5.30
N TRP A 260 -8.28 7.52 4.83
CA TRP A 260 -9.07 8.73 5.02
C TRP A 260 -10.45 8.52 4.41
N LEU A 261 -11.49 8.97 5.12
CA LEU A 261 -12.84 8.84 4.58
C LEU A 261 -13.05 9.71 3.35
N PHE A 262 -12.33 10.82 3.27
CA PHE A 262 -12.42 11.72 2.12
C PHE A 262 -11.05 11.84 1.46
N ASP A 263 -10.57 10.71 0.95
CA ASP A 263 -9.22 10.66 0.38
C ASP A 263 -9.15 11.54 -0.86
N GLU A 264 -8.09 12.36 -0.93
CA GLU A 264 -7.97 13.32 -2.03
C GLU A 264 -7.84 12.62 -3.37
N ALA A 265 -7.20 11.45 -3.42
CA ALA A 265 -7.08 10.72 -4.67
C ALA A 265 -8.42 10.13 -5.09
N GLN A 266 -9.22 9.67 -4.12
CA GLN A 266 -10.56 9.22 -4.43
C GLN A 266 -11.40 10.35 -5.01
N LEU A 267 -11.30 11.54 -4.43
CA LEU A 267 -12.04 12.68 -4.95
C LEU A 267 -11.52 13.10 -6.32
N THR A 268 -10.22 12.96 -6.56
CA THR A 268 -9.66 13.30 -7.86
C THR A 268 -10.23 12.42 -8.96
N VAL A 269 -10.21 11.10 -8.75
CA VAL A 269 -10.79 10.19 -9.73
C VAL A 269 -12.30 10.38 -9.85
N ASP A 270 -12.93 10.95 -8.83
CA ASP A 270 -14.36 11.27 -8.87
C ASP A 270 -14.64 12.64 -9.46
N ASN A 271 -13.60 13.34 -9.92
CA ASN A 271 -13.75 14.67 -10.53
C ASN A 271 -14.36 15.69 -9.54
N VAL A 272 -13.91 15.63 -8.29
CA VAL A 272 -14.28 16.60 -7.27
C VAL A 272 -13.06 17.46 -6.98
N HIS A 273 -13.24 18.78 -7.01
CA HIS A 273 -12.14 19.72 -6.82
C HIS A 273 -12.62 20.83 -5.89
N LEU A 274 -12.04 20.89 -4.69
CA LEU A 274 -12.44 21.85 -3.68
C LEU A 274 -11.43 22.98 -3.58
N PRO A 278 -17.64 27.54 -1.90
CA PRO A 278 -18.94 27.43 -1.24
C PRO A 278 -19.77 26.29 -1.80
N VAL A 279 -19.77 25.16 -1.10
CA VAL A 279 -20.24 23.89 -1.63
C VAL A 279 -21.77 23.88 -1.64
N GLN A 280 -22.35 23.56 -2.80
CA GLN A 280 -23.80 23.54 -2.95
C GLN A 280 -24.34 22.13 -2.70
N GLU A 281 -25.67 22.00 -2.74
CA GLU A 281 -26.32 20.80 -2.20
C GLU A 281 -25.86 19.53 -2.90
N GLY A 282 -25.78 19.57 -4.24
CA GLY A 282 -25.41 18.36 -4.98
C GLY A 282 -24.06 17.82 -4.56
N LEU A 283 -23.07 18.71 -4.44
CA LEU A 283 -21.73 18.29 -4.04
C LEU A 283 -21.67 17.92 -2.56
N ARG A 284 -22.42 18.65 -1.72
CA ARG A 284 -22.47 18.29 -0.31
C ARG A 284 -23.01 16.88 -0.12
N LEU A 285 -24.10 16.55 -0.82
CA LEU A 285 -24.67 15.21 -0.74
C LEU A 285 -23.70 14.17 -1.28
N TYR A 286 -22.99 14.50 -2.36
CA TYR A 286 -22.03 13.57 -2.93
C TYR A 286 -20.91 13.26 -1.95
N ILE A 287 -20.36 14.31 -1.32
CA ILE A 287 -19.25 14.12 -0.37
C ILE A 287 -19.72 13.34 0.85
N GLN A 288 -20.90 13.67 1.37
CA GLN A 288 -21.42 12.95 2.54
C GLN A 288 -21.68 11.49 2.21
N ASN A 289 -22.21 11.22 1.01
CA ASN A 289 -22.47 9.84 0.61
C ASN A 289 -21.17 9.07 0.44
N LEU A 290 -20.11 9.71 -0.06
CA LEU A 290 -18.83 9.04 -0.21
C LEU A 290 -18.28 8.61 1.15
N GLY A 291 -18.30 9.52 2.13
CA GLY A 291 -17.86 9.15 3.46
C GLY A 291 -18.67 8.02 4.06
N ARG A 292 -19.99 8.03 3.82
CA ARG A 292 -20.83 6.94 4.28
C ARG A 292 -20.47 5.62 3.59
N GLU A 293 -19.97 5.69 2.35
CA GLU A 293 -19.70 4.47 1.57
C GLU A 293 -18.42 3.78 2.05
N LEU A 294 -17.24 4.43 1.92
CA LEU A 294 -16.31 4.41 3.06
C LEU A 294 -16.67 3.76 4.35
N ARG A 295 -17.37 4.48 5.24
CA ARG A 295 -17.60 3.93 6.57
C ARG A 295 -18.27 2.57 6.49
N HIS A 296 -19.16 2.38 5.51
CA HIS A 296 -19.85 1.10 5.38
C HIS A 296 -18.91 -0.03 4.98
N THR A 297 -18.01 0.22 4.03
CA THR A 297 -17.11 -0.84 3.58
C THR A 297 -16.13 -1.28 4.66
N LEU A 298 -15.93 -0.47 5.69
CA LEU A 298 -15.01 -0.79 6.78
C LEU A 298 -15.71 -1.36 8.00
N LYS A 299 -17.03 -1.48 7.95
CA LYS A 299 -17.80 -1.92 9.11
C LYS A 299 -17.34 -3.30 9.59
N ASP A 300 -17.02 -4.20 8.66
CA ASP A 300 -16.57 -5.55 8.98
C ASP A 300 -15.06 -5.72 8.82
N VAL A 301 -14.30 -4.64 8.93
CA VAL A 301 -12.85 -4.69 8.91
C VAL A 301 -12.36 -4.43 10.34
N PRO A 302 -12.03 -5.48 11.10
CA PRO A 302 -11.80 -5.28 12.54
C PRO A 302 -10.57 -4.45 12.88
N ALA A 303 -9.57 -4.42 12.02
CA ALA A 303 -8.36 -3.62 12.24
C ALA A 303 -8.35 -2.52 11.19
N SER A 304 -8.79 -1.33 11.58
CA SER A 304 -8.88 -0.22 10.63
CA SER A 304 -8.94 -0.22 10.64
C SER A 304 -8.78 1.11 11.36
N PHE A 305 -8.34 2.12 10.61
CA PHE A 305 -8.16 3.48 11.12
C PHE A 305 -8.59 4.41 10.00
N ALA A 306 -9.74 5.05 10.15
CA ALA A 306 -10.37 5.81 9.07
C ALA A 306 -10.87 7.15 9.56
N PRO A 307 -10.02 8.17 9.58
CA PRO A 307 -10.44 9.48 10.06
C PRO A 307 -11.22 10.25 9.01
N ALA A 308 -12.14 11.09 9.50
CA ALA A 308 -12.99 11.92 8.63
C ALA A 308 -12.22 13.18 8.24
N CYS A 309 -11.26 12.99 7.35
CA CYS A 309 -10.41 14.08 6.87
C CYS A 309 -10.29 14.05 5.35
N LEU A 310 -10.10 15.24 4.79
CA LEU A 310 -9.69 15.42 3.41
C LEU A 310 -8.16 15.46 3.39
N SER A 311 -7.54 14.35 3.00
CA SER A 311 -6.09 14.23 3.02
C SER A 311 -5.69 13.05 2.13
N HIS A 312 -4.43 12.63 2.24
CA HIS A 312 -3.89 11.59 1.37
C HIS A 312 -2.63 11.04 2.01
N GLU A 313 -2.60 9.73 2.26
CA GLU A 313 -1.51 9.03 2.93
C GLU A 313 -1.30 9.43 4.38
N ILE A 314 -0.61 8.56 5.13
CA ILE A 314 -0.32 8.79 6.54
C ILE A 314 1.02 8.19 6.98
N ILE A 315 1.28 6.92 6.66
CA ILE A 315 2.17 6.14 7.50
C ILE A 315 3.64 6.57 7.43
N ILE A 316 4.11 7.11 6.30
CA ILE A 316 5.50 7.55 6.24
C ILE A 316 5.65 9.06 6.40
N ARG A 317 4.59 9.76 6.78
CA ARG A 317 4.66 11.17 7.11
C ARG A 317 5.23 11.32 8.52
N SER A 318 6.13 12.30 8.69
CA SER A 318 6.81 12.45 9.98
C SER A 318 5.84 12.75 11.11
N HIS A 319 4.75 13.46 10.82
CA HIS A 319 3.74 13.79 11.83
C HIS A 319 2.56 12.83 11.81
N TRP A 320 2.78 11.59 11.37
CA TRP A 320 1.72 10.59 11.34
C TRP A 320 1.16 10.29 12.72
N THR A 321 1.87 10.65 13.78
CA THR A 321 1.44 10.41 15.15
C THR A 321 0.30 11.32 15.59
N ASP A 322 0.02 12.38 14.83
CA ASP A 322 -0.82 13.47 15.34
C ASP A 322 -2.30 13.13 15.29
N VAL A 323 -2.76 12.47 14.23
CA VAL A 323 -4.19 12.25 14.05
C VAL A 323 -4.69 11.20 15.02
N GLN A 324 -5.91 11.39 15.51
CA GLN A 324 -6.55 10.46 16.42
C GLN A 324 -7.99 10.23 15.99
N VAL A 325 -8.47 9.01 16.18
CA VAL A 325 -9.87 8.67 16.04
C VAL A 325 -10.37 8.16 17.38
N LYS A 326 -11.42 8.78 17.90
CA LYS A 326 -11.98 8.42 19.21
C LYS A 326 -10.92 8.51 20.30
N GLY A 327 -9.95 9.41 20.14
CA GLY A 327 -8.91 9.60 21.12
C GLY A 327 -7.70 8.69 20.99
N THR A 328 -7.62 7.88 19.93
CA THR A 328 -6.55 6.91 19.77
C THR A 328 -5.79 7.21 18.48
N SER A 329 -4.47 7.27 18.58
CA SER A 329 -3.62 7.53 17.43
C SER A 329 -3.41 6.25 16.63
N LEU A 330 -2.93 6.42 15.40
CA LEU A 330 -2.62 5.24 14.57
C LEU A 330 -1.48 4.41 15.15
N PRO A 331 -0.35 4.99 15.59
CA PRO A 331 0.67 4.14 16.24
C PRO A 331 0.13 3.34 17.42
N ARG A 332 -0.79 3.91 18.20
CA ARG A 332 -1.40 3.14 19.28
C ARG A 332 -2.26 2.01 18.73
N ALA A 333 -3.11 2.33 17.73
CA ALA A 333 -3.98 1.31 17.15
C ALA A 333 -3.17 0.15 16.58
N LEU A 334 -2.04 0.45 15.94
CA LEU A 334 -1.20 -0.62 15.40
C LEU A 334 -0.58 -1.44 16.52
N HIS A 335 -0.18 -0.79 17.62
CA HIS A 335 0.30 -1.51 18.79
C HIS A 335 -0.79 -2.42 19.36
N CYS A 336 -2.02 -1.91 19.45
CA CYS A 336 -3.13 -2.74 19.90
C CYS A 336 -3.35 -3.91 18.96
N TRP A 337 -3.17 -3.67 17.66
CA TRP A 337 -3.28 -4.75 16.68
C TRP A 337 -2.23 -5.83 16.92
N ASP A 338 -0.98 -5.42 17.21
CA ASP A 338 0.04 -6.39 17.59
C ASP A 338 -0.39 -7.22 18.78
N ARG A 339 -0.92 -6.56 19.82
CA ARG A 339 -1.35 -7.28 21.01
C ARG A 339 -2.49 -8.24 20.69
N SER A 340 -3.42 -7.82 19.84
CA SER A 340 -4.55 -8.67 19.47
C SER A 340 -4.11 -9.92 18.72
N LEU A 341 -2.93 -9.90 18.11
CA LEU A 341 -2.43 -11.04 17.35
C LEU A 341 -1.46 -11.91 18.15
N HIS A 342 -1.27 -11.64 19.43
CA HIS A 342 -0.56 -12.55 20.32
C HIS A 342 -1.20 -13.94 20.27
N PRO A 351 -11.72 -8.44 22.63
CA PRO A 351 -11.16 -7.09 22.55
C PRO A 351 -10.37 -6.70 23.80
N LEU A 352 -9.52 -5.69 23.67
CA LEU A 352 -8.57 -5.32 24.72
C LEU A 352 -9.03 -4.06 25.43
N LYS A 353 -8.93 -4.07 26.75
CA LYS A 353 -9.30 -2.92 27.58
C LYS A 353 -8.50 -1.70 27.18
N GLY A 354 -9.19 -0.68 26.69
CA GLY A 354 -8.59 0.61 26.41
C GLY A 354 -7.56 0.63 25.31
N CYS A 355 -7.55 -0.38 24.44
CA CYS A 355 -6.51 -0.48 23.40
C CYS A 355 -7.22 -1.00 22.15
N PRO A 356 -7.94 -0.12 21.45
CA PRO A 356 -8.81 -0.55 20.36
C PRO A 356 -8.07 -0.69 19.04
N VAL A 357 -8.68 -1.46 18.13
CA VAL A 357 -8.12 -1.68 16.81
C VAL A 357 -9.05 -1.25 15.68
N HIS A 358 -10.34 -1.08 15.93
CA HIS A 358 -11.29 -0.65 14.91
C HIS A 358 -11.69 0.79 15.21
N LEU A 359 -11.18 1.73 14.40
CA LEU A 359 -11.31 3.15 14.67
C LEU A 359 -11.76 3.85 13.38
N VAL A 360 -13.08 4.00 13.23
CA VAL A 360 -13.67 4.62 12.04
C VAL A 360 -14.52 5.80 12.52
N ASP A 361 -14.21 6.99 12.02
CA ASP A 361 -15.01 8.16 12.38
C ASP A 361 -16.45 8.01 11.89
N SER A 362 -17.38 8.56 12.66
CA SER A 362 -18.78 8.57 12.29
C SER A 362 -19.28 9.95 11.88
N CYS A 363 -18.52 11.01 12.15
CA CYS A 363 -18.95 12.34 11.76
C CYS A 363 -18.80 12.51 10.25
N PRO A 364 -19.70 13.25 9.60
CA PRO A 364 -19.94 13.08 8.16
C PRO A 364 -19.28 14.09 7.23
N TRP A 365 -18.39 14.95 7.70
CA TRP A 365 -17.83 15.98 6.84
C TRP A 365 -16.34 16.17 7.04
N PRO A 366 -15.58 16.44 5.97
CA PRO A 366 -14.13 16.67 6.13
C PRO A 366 -13.76 17.65 7.22
N HIS A 367 -13.09 17.08 8.23
CA HIS A 367 -12.25 17.73 9.22
C HIS A 367 -13.11 17.93 10.45
N CYS A 368 -14.29 17.30 10.47
CA CYS A 368 -15.11 17.21 11.67
C CYS A 368 -14.37 16.52 12.81
N ASN A 369 -13.32 15.78 12.48
CA ASN A 369 -12.36 15.32 13.48
C ASN A 369 -11.34 16.43 13.68
N PRO A 370 -11.21 17.00 14.88
CA PRO A 370 -10.31 18.16 15.04
C PRO A 370 -8.85 17.84 14.83
N SER A 371 -8.45 16.58 14.84
CA SER A 371 -7.05 16.19 14.69
C SER A 371 -6.62 15.98 13.25
N CYS A 372 -7.48 16.30 12.29
CA CYS A 372 -7.13 16.15 10.88
C CYS A 372 -5.92 17.01 10.55
N PRO A 373 -5.09 16.58 9.60
CA PRO A 373 -3.95 17.41 9.19
C PRO A 373 -4.43 18.73 8.60
N THR A 374 -3.66 19.79 8.86
CA THR A 374 -4.01 21.12 8.38
C THR A 374 -3.75 21.25 6.88
C1 NAG B . 15.46 -14.23 -11.55
C2 NAG B . 15.51 -15.73 -11.31
C3 NAG B . 14.71 -16.47 -12.39
C4 NAG B . 13.28 -15.93 -12.43
C5 NAG B . 13.30 -14.41 -12.62
C6 NAG B . 11.92 -13.80 -12.52
C7 NAG B . 17.41 -16.84 -10.21
C8 NAG B . 18.84 -17.28 -10.35
N2 NAG B . 16.88 -16.22 -11.28
O3 NAG B . 14.71 -17.85 -12.09
O4 NAG B . 12.58 -16.52 -13.51
O5 NAG B . 14.10 -13.79 -11.60
O6 NAG B . 11.35 -14.03 -11.24
O7 NAG B . 16.76 -17.04 -9.20
S SO4 C . 4.31 -1.26 -26.14
O1 SO4 C . 4.76 -0.42 -27.25
O2 SO4 C . 2.87 -1.46 -26.23
O3 SO4 C . 4.63 -0.60 -24.87
O4 SO4 C . 4.99 -2.55 -26.20
S SO4 D . -1.09 -16.94 -6.89
O1 SO4 D . 0.28 -16.79 -7.34
O2 SO4 D . -1.80 -15.67 -7.07
O3 SO4 D . -1.11 -17.32 -5.48
O4 SO4 D . -1.76 -17.98 -7.66
S SO4 E . -10.83 -22.16 -1.16
O1 SO4 E . -11.50 -20.87 -1.07
O2 SO4 E . -10.59 -22.50 -2.57
O3 SO4 E . -9.55 -22.10 -0.46
O4 SO4 E . -11.66 -23.19 -0.55
S DMS F . 9.30 -1.17 18.83
O DMS F . 10.15 -1.47 17.62
C1 DMS F . 10.29 -1.44 20.32
C2 DMS F . 8.07 -2.47 19.03
C1 EDO G . -22.76 2.13 8.20
O1 EDO G . -23.66 1.13 7.70
C2 EDO G . -21.48 1.46 8.70
O2 EDO G . -21.31 1.73 10.09
C1 EDO H . -2.30 -14.85 -4.08
O1 EDO H . -2.69 -15.80 -5.07
C2 EDO H . -2.53 -15.46 -2.70
O2 EDO H . -3.53 -16.49 -2.79
C02 SSQ I . -7.00 2.36 -8.79
C03 SSQ I . -8.18 1.76 -8.42
C04 SSQ I . -8.20 0.84 -7.39
C05 SSQ I . -7.03 0.53 -6.71
C06 SSQ I . -5.84 1.14 -7.07
C07 SSQ I . -5.83 2.05 -8.11
C09 SSQ I . -4.16 4.40 -7.66
C12 SSQ I . -1.65 6.64 -5.95
C16 SSQ I . -3.92 6.76 -6.23
C17 SSQ I . -5.18 6.36 -6.67
C18 SSQ I . -5.31 5.18 -7.38
N10 SSQ I . -2.95 4.80 -7.23
N11 SSQ I . -2.84 5.99 -6.52
N14 SSQ I . -2.07 7.83 -5.31
N15 SSQ I . -3.44 7.94 -5.47
O13 SSQ I . -0.55 6.22 -6.02
S08 SSQ I . -4.27 2.85 -8.58
CL1 SSQ I . -6.96 3.55 -10.12
S DMS J . -8.25 -10.11 7.39
O DMS J . -7.41 -9.26 8.29
C1 DMS J . -7.80 -11.86 7.60
C2 DMS J . -7.73 -9.86 5.67
S DMS K . 13.60 6.36 -4.70
O DMS K . 13.48 7.27 -5.88
C1 DMS K . 14.97 6.89 -3.66
C2 DMS K . 14.39 4.84 -5.24
S SO4 L . 12.48 12.17 -12.50
O1 SO4 L . 11.72 12.28 -13.74
O2 SO4 L . 12.50 13.47 -11.82
O3 SO4 L . 11.85 11.19 -11.62
O4 SO4 L . 13.85 11.74 -12.79
S SO4 M . 26.24 -5.18 1.67
O1 SO4 M . 25.50 -5.48 0.45
O2 SO4 M . 27.16 -4.07 1.43
O3 SO4 M . 25.31 -4.82 2.73
O4 SO4 M . 26.99 -6.37 2.08
S SO4 N . -18.83 22.36 -8.39
O1 SO4 N . -20.14 21.75 -8.52
O2 SO4 N . -18.75 23.55 -9.23
O3 SO4 N . -18.59 22.74 -7.00
O4 SO4 N . -17.80 21.40 -8.80
S SO4 O . -0.05 -8.21 26.35
O1 SO4 O . -1.16 -8.26 25.42
O2 SO4 O . 0.68 -6.96 26.19
O3 SO4 O . -0.55 -8.28 27.72
O4 SO4 O . 0.86 -9.33 26.11
#